data_1BIN
#
_entry.id   1BIN
#
_cell.length_a   34.980
_cell.length_b   53.390
_cell.length_c   141.730
_cell.angle_alpha   90.00
_cell.angle_beta   90.00
_cell.angle_gamma   90.00
#
_symmetry.space_group_name_H-M   'P 21 21 21'
#
loop_
_entity.id
_entity.type
_entity.pdbx_description
1 polymer 'LEGHEMOGLOBIN A'
2 non-polymer 'ACETATE ION'
3 non-polymer 'SULFATE ION'
4 non-polymer 'PROTOPORPHYRIN IX CONTAINING FE'
5 water water
#
_entity_poly.entity_id   1
_entity_poly.type   'polypeptide(L)'
_entity_poly.pdbx_seq_one_letter_code
;VAFTEKQDALVSSSFEAFKANIPQYSVVFYTSILEKAPAAKDLFSFLANGVDPTNPKLTGHAEKLFALVRDSAGQLKASG
TVVADAALGSVHAQKAVTDPQFVVVKEALLKTIKAAVGDKWSDELSRAWEVAYDELAAAIKKA
;
_entity_poly.pdbx_strand_id   A,B
#
# COMPACT_ATOMS: atom_id res chain seq x y z
N VAL A 1 -4.31 17.83 -11.11
CA VAL A 1 -3.32 16.77 -10.82
C VAL A 1 -2.33 16.71 -11.97
N ALA A 2 -1.11 17.12 -11.65
CA ALA A 2 0.01 17.15 -12.57
C ALA A 2 0.41 15.75 -12.94
N PHE A 3 0.41 15.44 -14.21
CA PHE A 3 0.82 14.12 -14.64
C PHE A 3 1.47 14.43 -15.96
N THR A 4 2.75 14.14 -16.09
CA THR A 4 3.46 14.48 -17.32
C THR A 4 3.50 13.41 -18.38
N GLU A 5 4.04 13.82 -19.51
CA GLU A 5 4.22 13.01 -20.67
C GLU A 5 5.05 11.77 -20.37
N LYS A 6 6.16 12.01 -19.67
CA LYS A 6 7.07 10.98 -19.26
C LYS A 6 6.35 9.97 -18.42
N GLN A 7 5.70 10.43 -17.36
CA GLN A 7 4.98 9.50 -16.52
C GLN A 7 3.97 8.68 -17.30
N ASP A 8 3.37 9.24 -18.35
CA ASP A 8 2.40 8.50 -19.13
C ASP A 8 3.11 7.44 -19.90
N ALA A 9 4.33 7.76 -20.34
CA ALA A 9 5.12 6.84 -21.14
C ALA A 9 5.60 5.64 -20.32
N LEU A 10 5.86 5.89 -19.04
CA LEU A 10 6.29 4.80 -18.19
C LEU A 10 5.16 3.80 -18.05
N VAL A 11 3.94 4.28 -17.82
CA VAL A 11 2.81 3.37 -17.70
C VAL A 11 2.35 2.68 -19.01
N SER A 12 2.29 3.38 -20.15
CA SER A 12 1.92 2.66 -21.39
C SER A 12 2.91 1.52 -21.64
N SER A 13 4.19 1.80 -21.38
CA SER A 13 5.21 0.81 -21.61
C SER A 13 5.18 -0.43 -20.73
N SER A 14 5.15 -0.22 -19.41
CA SER A 14 5.12 -1.32 -18.43
C SER A 14 3.84 -2.15 -18.50
N PHE A 15 2.79 -1.54 -19.07
CA PHE A 15 1.46 -2.15 -19.26
C PHE A 15 1.62 -3.19 -20.36
N GLU A 16 2.43 -2.82 -21.34
CA GLU A 16 2.76 -3.69 -22.45
C GLU A 16 3.50 -4.93 -21.91
N ALA A 17 4.33 -4.74 -20.89
CA ALA A 17 5.07 -5.86 -20.30
C ALA A 17 4.07 -6.70 -19.54
N PHE A 18 3.03 -6.06 -19.01
CA PHE A 18 1.98 -6.80 -18.32
C PHE A 18 1.20 -7.66 -19.39
N LYS A 19 0.88 -7.06 -20.54
CA LYS A 19 0.19 -7.77 -21.65
C LYS A 19 0.96 -9.00 -22.20
N ALA A 20 2.26 -9.11 -21.94
CA ALA A 20 3.03 -10.24 -22.41
C ALA A 20 2.52 -11.55 -21.79
N ASN A 21 2.22 -11.52 -20.48
CA ASN A 21 1.74 -12.72 -19.81
C ASN A 21 0.61 -12.46 -18.85
N ILE A 22 -0.63 -12.32 -19.38
CA ILE A 22 -1.81 -12.06 -18.54
C ILE A 22 -2.14 -13.16 -17.51
N PRO A 23 -2.12 -14.44 -17.92
CA PRO A 23 -2.43 -15.51 -16.96
C PRO A 23 -1.46 -15.61 -15.76
N GLN A 24 -0.18 -15.46 -16.05
CA GLN A 24 0.83 -15.54 -15.02
C GLN A 24 0.83 -14.31 -14.09
N TYR A 25 0.77 -13.11 -14.67
CA TYR A 25 0.76 -11.85 -13.90
C TYR A 25 -0.53 -11.62 -13.17
N SER A 26 -1.63 -12.16 -13.68
CA SER A 26 -2.92 -12.01 -13.07
C SER A 26 -3.08 -12.94 -11.86
N VAL A 27 -2.08 -13.81 -11.65
CA VAL A 27 -1.95 -14.78 -10.55
C VAL A 27 -1.32 -14.03 -9.41
N VAL A 28 -0.34 -13.23 -9.73
CA VAL A 28 0.33 -12.42 -8.71
C VAL A 28 -0.67 -11.42 -8.09
N PHE A 29 -1.45 -10.76 -8.95
CA PHE A 29 -2.46 -9.80 -8.56
C PHE A 29 -3.47 -10.37 -7.59
N TYR A 30 -4.17 -11.42 -8.03
CA TYR A 30 -5.20 -12.07 -7.25
C TYR A 30 -4.75 -12.72 -5.98
N THR A 31 -3.61 -13.40 -6.04
CA THR A 31 -3.08 -14.04 -4.85
C THR A 31 -2.85 -12.96 -3.76
N SER A 32 -2.30 -11.83 -4.17
CA SER A 32 -2.00 -10.72 -3.27
C SER A 32 -3.26 -10.22 -2.58
N ILE A 33 -4.29 -10.02 -3.39
CA ILE A 33 -5.59 -9.55 -2.92
C ILE A 33 -6.25 -10.53 -1.95
N LEU A 34 -6.29 -11.81 -2.31
CA LEU A 34 -6.89 -12.84 -1.45
C LEU A 34 -6.10 -13.00 -0.14
N GLU A 35 -4.80 -12.71 -0.22
CA GLU A 35 -3.92 -12.77 0.93
C GLU A 35 -4.27 -11.70 1.96
N LYS A 36 -4.61 -10.51 1.51
CA LYS A 36 -4.88 -9.45 2.46
C LYS A 36 -6.31 -8.93 2.59
N ALA A 37 -7.25 -9.48 1.84
CA ALA A 37 -8.62 -9.05 1.88
C ALA A 37 -9.57 -10.22 2.05
N PRO A 38 -10.02 -10.43 3.30
CA PRO A 38 -10.93 -11.50 3.71
C PRO A 38 -12.20 -11.68 2.85
N ALA A 39 -12.90 -10.58 2.58
CA ALA A 39 -14.14 -10.64 1.76
C ALA A 39 -13.96 -10.98 0.26
N ALA A 40 -12.76 -10.78 -0.27
CA ALA A 40 -12.42 -11.00 -1.69
C ALA A 40 -12.87 -12.26 -2.41
N LYS A 41 -12.59 -13.42 -1.84
CA LYS A 41 -12.97 -14.72 -2.43
C LYS A 41 -14.47 -14.84 -2.69
N ASP A 42 -15.26 -14.26 -1.80
CA ASP A 42 -16.71 -14.30 -1.94
C ASP A 42 -17.26 -13.19 -2.86
N LEU A 43 -16.57 -12.06 -2.93
CA LEU A 43 -17.02 -10.96 -3.77
C LEU A 43 -16.92 -11.16 -5.29
N PHE A 44 -15.82 -11.75 -5.76
CA PHE A 44 -15.61 -11.93 -7.19
C PHE A 44 -16.23 -13.22 -7.67
N SER A 45 -16.96 -13.11 -8.79
CA SER A 45 -17.66 -14.25 -9.38
C SER A 45 -16.74 -15.36 -9.79
N PHE A 46 -15.61 -14.97 -10.39
CA PHE A 46 -14.61 -15.90 -10.87
C PHE A 46 -13.63 -16.42 -9.81
N LEU A 47 -13.66 -15.83 -8.61
CA LEU A 47 -12.75 -16.27 -7.56
C LEU A 47 -13.37 -17.42 -6.79
N ALA A 48 -14.51 -17.87 -7.29
CA ALA A 48 -15.26 -18.96 -6.71
C ALA A 48 -14.36 -20.19 -6.43
N ASN A 49 -13.84 -20.81 -7.50
CA ASN A 49 -12.96 -21.98 -7.38
C ASN A 49 -11.44 -21.61 -7.36
N GLY A 50 -11.09 -20.53 -6.70
CA GLY A 50 -9.71 -20.10 -6.59
C GLY A 50 -9.09 -19.33 -7.74
N VAL A 51 -7.77 -19.16 -7.67
CA VAL A 51 -7.04 -18.47 -8.73
C VAL A 51 -6.72 -19.53 -9.78
N ASP A 52 -7.30 -19.31 -10.96
CA ASP A 52 -7.15 -20.22 -12.07
C ASP A 52 -6.72 -19.41 -13.28
N PRO A 53 -5.44 -19.55 -13.66
CA PRO A 53 -4.92 -18.82 -14.82
C PRO A 53 -5.61 -19.21 -16.18
N THR A 54 -6.24 -20.39 -16.23
CA THR A 54 -6.94 -20.82 -17.45
C THR A 54 -8.37 -20.28 -17.59
N ASN A 55 -8.92 -19.69 -16.54
CA ASN A 55 -10.26 -19.14 -16.59
C ASN A 55 -10.19 -17.78 -17.34
N PRO A 56 -10.73 -17.70 -18.57
CA PRO A 56 -10.63 -16.42 -19.24
C PRO A 56 -11.39 -15.29 -18.56
N LYS A 57 -12.32 -15.63 -17.66
CA LYS A 57 -13.08 -14.59 -16.96
C LYS A 57 -12.16 -13.85 -16.01
N LEU A 58 -11.34 -14.61 -15.27
CA LEU A 58 -10.35 -14.09 -14.31
C LEU A 58 -9.32 -13.27 -15.06
N THR A 59 -8.70 -13.88 -16.07
CA THR A 59 -7.69 -13.20 -16.86
C THR A 59 -8.26 -11.98 -17.60
N GLY A 60 -9.49 -12.10 -18.07
CA GLY A 60 -10.12 -11.00 -18.78
C GLY A 60 -10.42 -9.81 -17.88
N HIS A 61 -10.81 -10.11 -16.66
CA HIS A 61 -11.11 -9.04 -15.71
C HIS A 61 -9.85 -8.25 -15.38
N ALA A 62 -8.72 -8.93 -15.20
CA ALA A 62 -7.44 -8.34 -14.86
C ALA A 62 -6.96 -7.48 -16.00
N GLU A 63 -7.29 -7.90 -17.21
CA GLU A 63 -6.89 -7.14 -18.35
C GLU A 63 -7.70 -5.89 -18.35
N LYS A 64 -8.99 -6.03 -18.10
CA LYS A 64 -9.88 -4.89 -18.08
C LYS A 64 -9.41 -3.87 -17.04
N LEU A 65 -9.13 -4.36 -15.85
CA LEU A 65 -8.70 -3.55 -14.76
C LEU A 65 -7.42 -2.71 -15.05
N PHE A 66 -6.37 -3.35 -15.55
CA PHE A 66 -5.13 -2.65 -15.87
C PHE A 66 -5.22 -1.65 -17.04
N ALA A 67 -6.08 -1.92 -18.04
CA ALA A 67 -6.31 -1.05 -19.22
C ALA A 67 -7.00 0.25 -18.79
N LEU A 68 -7.84 0.11 -17.78
CA LEU A 68 -8.57 1.23 -17.21
C LEU A 68 -7.58 2.13 -16.44
N VAL A 69 -6.62 1.54 -15.72
CA VAL A 69 -5.60 2.30 -14.96
C VAL A 69 -4.61 2.95 -15.93
N ARG A 70 -4.28 2.26 -17.04
CA ARG A 70 -3.42 2.88 -18.03
C ARG A 70 -4.24 3.99 -18.65
N ASP A 71 -5.53 3.74 -18.88
CA ASP A 71 -6.39 4.79 -19.44
C ASP A 71 -6.47 6.01 -18.49
N SER A 72 -6.41 5.78 -17.16
CA SER A 72 -6.46 6.87 -16.21
C SER A 72 -5.26 7.82 -16.39
N ALA A 73 -4.07 7.23 -16.65
CA ALA A 73 -2.81 7.93 -16.92
C ALA A 73 -2.97 8.83 -18.18
N GLY A 74 -3.49 8.27 -19.27
CA GLY A 74 -3.74 9.06 -20.48
C GLY A 74 -4.71 10.23 -20.26
N GLN A 75 -5.74 10.06 -19.44
CA GLN A 75 -6.63 11.16 -19.16
C GLN A 75 -5.96 12.24 -18.33
N LEU A 76 -5.15 11.86 -17.36
CA LEU A 76 -4.46 12.82 -16.48
C LEU A 76 -3.42 13.63 -17.26
N LYS A 77 -2.67 12.92 -18.10
CA LYS A 77 -1.66 13.54 -18.94
C LYS A 77 -2.33 14.54 -19.86
N ALA A 78 -3.49 14.18 -20.43
CA ALA A 78 -4.28 15.04 -21.36
C ALA A 78 -5.00 16.22 -20.71
N SER A 79 -5.71 15.95 -19.62
CA SER A 79 -6.47 16.98 -18.92
C SER A 79 -6.17 17.29 -17.44
N GLY A 80 -5.46 16.41 -16.74
CA GLY A 80 -5.18 16.61 -15.33
C GLY A 80 -6.35 16.12 -14.47
N THR A 81 -7.30 15.44 -15.10
CA THR A 81 -8.46 14.99 -14.38
C THR A 81 -8.93 13.61 -14.98
N VAL A 82 -9.48 12.73 -14.14
CA VAL A 82 -10.01 11.42 -14.57
C VAL A 82 -11.48 11.25 -14.14
N VAL A 83 -12.30 10.65 -15.00
CA VAL A 83 -13.73 10.37 -14.70
C VAL A 83 -13.96 8.89 -14.89
N ALA A 84 -14.84 8.34 -14.07
CA ALA A 84 -15.19 6.95 -14.16
C ALA A 84 -16.63 6.87 -14.56
N ASP A 85 -16.94 5.91 -15.42
CA ASP A 85 -18.28 5.62 -15.92
C ASP A 85 -19.20 5.40 -14.72
N ALA A 86 -20.47 5.80 -14.84
CA ALA A 86 -21.44 5.64 -13.76
C ALA A 86 -21.70 4.16 -13.40
N ALA A 87 -21.62 3.28 -14.40
CA ALA A 87 -21.82 1.83 -14.20
C ALA A 87 -20.72 1.26 -13.33
N LEU A 88 -19.50 1.69 -13.60
CA LEU A 88 -18.35 1.24 -12.82
C LEU A 88 -18.46 1.83 -11.43
N GLY A 89 -19.10 2.99 -11.33
CA GLY A 89 -19.28 3.61 -10.04
C GLY A 89 -20.24 2.82 -9.18
N SER A 90 -21.27 2.24 -9.80
CA SER A 90 -22.24 1.47 -9.04
C SER A 90 -21.90 0.01 -8.73
N VAL A 91 -21.13 -0.65 -9.60
CA VAL A 91 -20.78 -2.03 -9.29
C VAL A 91 -20.08 -2.06 -7.92
N HIS A 92 -19.27 -1.03 -7.66
CA HIS A 92 -18.51 -0.91 -6.42
C HIS A 92 -19.30 -0.46 -5.21
N ALA A 93 -20.35 0.32 -5.42
CA ALA A 93 -21.19 0.85 -4.33
C ALA A 93 -21.81 -0.19 -3.40
N GLN A 94 -21.81 -1.43 -3.83
CA GLN A 94 -22.32 -2.49 -2.96
C GLN A 94 -21.68 -2.32 -1.55
N LYS A 95 -20.41 -2.70 -1.33
CA LYS A 95 -19.83 -2.51 -0.01
C LYS A 95 -18.35 -2.77 0.20
N ALA A 96 -17.93 -4.03 0.11
CA ALA A 96 -16.52 -4.43 0.38
C ALA A 96 -15.47 -3.49 -0.25
N VAL A 97 -15.98 -2.62 -1.10
CA VAL A 97 -15.15 -1.63 -1.64
C VAL A 97 -15.19 -0.65 -0.46
N THR A 98 -14.44 -1.02 0.56
CA THR A 98 -14.28 -0.18 1.71
C THR A 98 -13.03 0.53 1.22
N ASP A 99 -12.69 1.66 1.82
CA ASP A 99 -11.47 2.39 1.41
C ASP A 99 -10.17 1.59 1.60
N PRO A 100 -10.05 0.82 2.70
CA PRO A 100 -8.84 0.00 2.96
C PRO A 100 -8.66 -1.02 1.82
N GLN A 101 -9.76 -1.52 1.27
CA GLN A 101 -9.71 -2.46 0.16
C GLN A 101 -9.03 -1.84 -1.03
N PHE A 102 -9.33 -0.56 -1.31
CA PHE A 102 -8.68 0.14 -2.45
C PHE A 102 -7.19 0.10 -2.33
N VAL A 103 -6.66 0.25 -1.09
CA VAL A 103 -5.21 0.23 -0.84
C VAL A 103 -4.69 -1.19 -1.02
N VAL A 104 -5.45 -2.19 -0.59
CA VAL A 104 -5.03 -3.56 -0.83
C VAL A 104 -4.90 -3.86 -2.34
N VAL A 105 -5.77 -3.31 -3.18
CA VAL A 105 -5.72 -3.56 -4.64
C VAL A 105 -4.58 -2.82 -5.34
N LYS A 106 -4.20 -1.66 -4.77
CA LYS A 106 -3.12 -0.82 -5.26
C LYS A 106 -1.85 -1.59 -4.98
N GLU A 107 -1.77 -2.16 -3.79
CA GLU A 107 -0.60 -2.90 -3.43
C GLU A 107 -0.42 -4.10 -4.34
N ALA A 108 -1.51 -4.79 -4.65
CA ALA A 108 -1.48 -5.96 -5.54
C ALA A 108 -1.05 -5.51 -6.96
N LEU A 109 -1.58 -4.36 -7.38
CA LEU A 109 -1.27 -3.82 -8.70
C LEU A 109 0.20 -3.50 -8.88
N LEU A 110 0.81 -2.81 -7.91
CA LEU A 110 2.23 -2.45 -8.00
C LEU A 110 3.13 -3.65 -7.96
N LYS A 111 2.74 -4.61 -7.15
CA LYS A 111 3.49 -5.82 -7.00
C LYS A 111 3.40 -6.57 -8.34
N THR A 112 2.28 -6.41 -9.05
CA THR A 112 2.13 -7.14 -10.33
C THR A 112 2.97 -6.47 -11.39
N ILE A 113 3.01 -5.14 -11.38
CA ILE A 113 3.80 -4.44 -12.36
C ILE A 113 5.28 -4.68 -12.11
N LYS A 114 5.61 -4.87 -10.85
CA LYS A 114 6.95 -5.13 -10.47
C LYS A 114 7.38 -6.51 -11.01
N ALA A 115 6.53 -7.52 -10.86
CA ALA A 115 6.85 -8.87 -11.35
C ALA A 115 7.01 -8.88 -12.87
N ALA A 116 6.23 -8.02 -13.53
CA ALA A 116 6.19 -7.88 -14.97
C ALA A 116 7.40 -7.17 -15.60
N VAL A 117 7.88 -6.09 -14.97
CA VAL A 117 8.99 -5.35 -15.55
C VAL A 117 10.40 -5.87 -15.30
N GLY A 118 10.57 -6.62 -14.21
CA GLY A 118 11.86 -7.20 -13.86
C GLY A 118 12.86 -6.15 -13.51
N ASP A 119 13.98 -6.16 -14.21
CA ASP A 119 15.07 -5.20 -13.97
C ASP A 119 14.74 -3.72 -14.34
N LYS A 120 13.61 -3.51 -15.03
CA LYS A 120 13.14 -2.19 -15.45
C LYS A 120 12.35 -1.42 -14.35
N TRP A 121 12.23 -2.01 -13.17
CA TRP A 121 11.58 -1.37 -12.04
C TRP A 121 12.37 -0.19 -11.48
N SER A 122 11.67 0.88 -11.16
CA SER A 122 12.27 2.03 -10.52
C SER A 122 11.14 2.69 -9.68
N ASP A 123 11.52 3.56 -8.75
CA ASP A 123 10.53 4.27 -7.96
C ASP A 123 9.71 5.17 -8.89
N GLU A 124 10.32 5.69 -9.96
CA GLU A 124 9.61 6.54 -10.95
C GLU A 124 8.40 5.79 -11.50
N LEU A 125 8.61 4.53 -11.82
CA LEU A 125 7.60 3.64 -12.36
C LEU A 125 6.45 3.39 -11.40
N SER A 126 6.77 3.05 -10.18
CA SER A 126 5.77 2.80 -9.15
C SER A 126 4.92 4.04 -9.00
N ARG A 127 5.61 5.16 -8.87
CA ARG A 127 4.94 6.42 -8.70
C ARG A 127 3.96 6.77 -9.81
N ALA A 128 4.31 6.48 -11.08
CA ALA A 128 3.43 6.77 -12.22
C ALA A 128 2.14 6.00 -12.10
N TRP A 129 2.23 4.72 -11.72
CA TRP A 129 1.05 3.82 -11.50
C TRP A 129 0.25 4.18 -10.28
N GLU A 130 0.92 4.54 -9.19
CA GLU A 130 0.24 4.93 -7.93
C GLU A 130 -0.71 6.12 -8.18
N VAL A 131 -0.22 7.13 -8.90
CA VAL A 131 -1.07 8.30 -9.15
C VAL A 131 -2.26 8.00 -10.03
N ALA A 132 -2.02 7.25 -11.09
CA ALA A 132 -3.09 6.95 -12.01
C ALA A 132 -4.12 6.07 -11.33
N TYR A 133 -3.67 5.19 -10.43
CA TYR A 133 -4.57 4.28 -9.72
C TYR A 133 -5.38 5.03 -8.71
N ASP A 134 -4.71 5.94 -7.98
CA ASP A 134 -5.38 6.76 -6.95
C ASP A 134 -6.39 7.71 -7.58
N GLU A 135 -6.07 8.33 -8.69
CA GLU A 135 -7.03 9.26 -9.28
C GLU A 135 -8.28 8.55 -9.77
N LEU A 136 -8.10 7.37 -10.35
CA LEU A 136 -9.20 6.52 -10.84
C LEU A 136 -10.02 5.90 -9.69
N ALA A 137 -9.38 5.53 -8.58
CA ALA A 137 -10.07 5.00 -7.38
C ALA A 137 -10.95 6.11 -6.78
N ALA A 138 -10.50 7.37 -6.85
CA ALA A 138 -11.25 8.54 -6.36
C ALA A 138 -12.43 8.90 -7.29
N ALA A 139 -12.23 8.74 -8.59
CA ALA A 139 -13.27 8.98 -9.57
C ALA A 139 -14.38 7.92 -9.45
N ILE A 140 -13.99 6.68 -9.20
CA ILE A 140 -14.90 5.56 -9.06
C ILE A 140 -15.84 5.74 -7.88
N LYS A 141 -15.28 6.20 -6.76
CA LYS A 141 -16.05 6.41 -5.55
C LYS A 141 -17.04 7.51 -5.79
N LYS A 142 -16.64 8.52 -6.53
CA LYS A 142 -17.59 9.59 -6.75
C LYS A 142 -18.37 9.64 -8.06
N ALA A 143 -18.12 8.74 -8.99
CA ALA A 143 -18.93 8.82 -10.20
C ALA A 143 -19.68 7.54 -10.35
N VAL B 1 14.05 -14.78 6.90
CA VAL B 1 13.85 -13.79 5.79
C VAL B 1 15.16 -13.04 5.65
N ALA B 2 15.76 -13.04 4.46
CA ALA B 2 17.00 -12.32 4.25
C ALA B 2 16.76 -10.81 4.27
N PHE B 3 17.64 -10.14 5.00
CA PHE B 3 17.59 -8.68 5.15
C PHE B 3 19.04 -8.28 5.28
N THR B 4 19.51 -7.40 4.42
CA THR B 4 20.91 -7.03 4.48
C THR B 4 21.25 -5.96 5.49
N GLU B 5 22.53 -5.69 5.57
CA GLU B 5 23.08 -4.71 6.47
C GLU B 5 22.87 -3.34 5.84
N LYS B 6 22.85 -3.30 4.50
CA LYS B 6 22.63 -2.06 3.75
C LYS B 6 21.19 -1.66 4.05
N GLN B 7 20.32 -2.67 4.06
CA GLN B 7 18.89 -2.48 4.34
C GLN B 7 18.67 -2.01 5.79
N ASP B 8 19.44 -2.54 6.73
CA ASP B 8 19.36 -2.13 8.14
C ASP B 8 19.87 -0.70 8.26
N ALA B 9 20.94 -0.37 7.56
CA ALA B 9 21.48 0.97 7.64
C ALA B 9 20.58 1.97 6.93
N LEU B 10 19.82 1.48 5.95
CA LEU B 10 18.88 2.36 5.26
C LEU B 10 17.74 2.74 6.21
N VAL B 11 17.20 1.83 7.03
CA VAL B 11 16.12 2.25 7.96
C VAL B 11 16.60 3.02 9.17
N SER B 12 17.83 2.79 9.60
CA SER B 12 18.35 3.53 10.76
C SER B 12 18.56 4.99 10.45
N SER B 13 19.14 5.25 9.30
CA SER B 13 19.40 6.59 8.92
C SER B 13 18.14 7.38 8.72
N SER B 14 17.14 6.80 8.05
CA SER B 14 15.87 7.49 7.79
C SER B 14 14.98 7.56 9.03
N PHE B 15 15.25 6.67 9.99
CA PHE B 15 14.51 6.71 11.24
C PHE B 15 14.97 7.98 11.95
N GLU B 16 16.27 8.28 11.81
CA GLU B 16 16.87 9.47 12.38
C GLU B 16 16.29 10.74 11.77
N ALA B 17 15.93 10.67 10.50
CA ALA B 17 15.31 11.79 9.81
C ALA B 17 13.84 11.97 10.30
N PHE B 18 13.20 10.86 10.66
CA PHE B 18 11.84 10.89 11.20
C PHE B 18 11.93 11.64 12.54
N LYS B 19 12.94 11.26 13.33
CA LYS B 19 13.20 11.85 14.62
C LYS B 19 13.56 13.30 14.59
N ALA B 20 13.89 13.76 13.38
CA ALA B 20 14.27 15.15 13.14
C ALA B 20 13.15 16.09 13.39
N ASN B 21 11.92 15.63 13.31
CA ASN B 21 10.78 16.51 13.55
C ASN B 21 9.60 15.59 13.78
N ILE B 22 9.67 14.86 14.87
CA ILE B 22 8.64 13.89 15.15
C ILE B 22 7.15 14.29 15.12
N PRO B 23 6.81 15.55 15.44
CA PRO B 23 5.40 15.95 15.40
C PRO B 23 4.86 16.23 13.99
N GLN B 24 5.62 16.89 13.13
CA GLN B 24 5.15 17.19 11.76
C GLN B 24 5.00 15.88 10.98
N TYR B 25 5.83 14.91 11.31
CA TYR B 25 5.77 13.64 10.63
C TYR B 25 4.69 12.71 11.18
N SER B 26 4.32 12.93 12.43
CA SER B 26 3.26 12.15 13.08
C SER B 26 1.95 12.68 12.49
N VAL B 27 1.94 13.96 12.13
CA VAL B 27 0.77 14.50 11.49
C VAL B 27 0.63 13.78 10.13
N VAL B 28 1.67 13.78 9.32
CA VAL B 28 1.65 13.09 8.02
C VAL B 28 1.14 11.63 8.15
N PHE B 29 1.74 10.88 9.07
CA PHE B 29 1.38 9.50 9.35
C PHE B 29 -0.12 9.23 9.70
N TYR B 30 -0.62 9.84 10.77
CA TYR B 30 -2.00 9.66 11.21
C TYR B 30 -3.07 10.18 10.25
N THR B 31 -2.79 11.31 9.60
CA THR B 31 -3.67 11.89 8.58
C THR B 31 -3.87 10.88 7.44
N SER B 32 -2.78 10.22 7.04
CA SER B 32 -2.82 9.18 5.99
C SER B 32 -3.67 7.99 6.46
N ILE B 33 -3.55 7.61 7.73
CA ILE B 33 -4.34 6.48 8.25
C ILE B 33 -5.82 6.80 8.16
N LEU B 34 -6.24 7.93 8.73
CA LEU B 34 -7.62 8.41 8.76
C LEU B 34 -8.18 8.74 7.37
N GLU B 35 -7.30 8.97 6.41
CA GLU B 35 -7.80 9.26 5.09
C GLU B 35 -8.24 7.98 4.37
N LYS B 36 -7.55 6.87 4.62
CA LYS B 36 -7.87 5.63 3.94
C LYS B 36 -8.58 4.64 4.78
N ALA B 37 -8.70 4.92 6.07
CA ALA B 37 -9.42 4.04 6.97
C ALA B 37 -10.06 4.87 8.06
N PRO B 38 -11.21 5.50 7.73
CA PRO B 38 -12.03 6.38 8.58
C PRO B 38 -12.43 5.72 9.88
N ALA B 39 -12.80 4.45 9.78
CA ALA B 39 -13.22 3.67 10.95
C ALA B 39 -12.22 3.62 12.12
N ALA B 40 -10.94 3.83 11.81
CA ALA B 40 -9.87 3.78 12.79
C ALA B 40 -9.90 4.85 13.90
N LYS B 41 -10.32 6.06 13.55
CA LYS B 41 -10.40 7.18 14.49
C LYS B 41 -11.11 6.79 15.80
N ASP B 42 -12.02 5.83 15.71
CA ASP B 42 -12.77 5.34 16.89
C ASP B 42 -11.97 4.38 17.76
N LEU B 43 -11.00 3.72 17.14
CA LEU B 43 -10.15 2.77 17.86
C LEU B 43 -9.03 3.49 18.63
N PHE B 44 -8.48 4.59 18.08
CA PHE B 44 -7.40 5.33 18.74
C PHE B 44 -7.99 6.38 19.65
N SER B 45 -7.69 6.29 20.94
CA SER B 45 -8.24 7.25 21.89
C SER B 45 -7.63 8.66 21.84
N PHE B 46 -6.38 8.75 21.37
CA PHE B 46 -5.69 10.04 21.28
C PHE B 46 -6.11 10.83 20.06
N LEU B 47 -6.89 10.19 19.20
CA LEU B 47 -7.37 10.82 17.96
C LEU B 47 -8.84 11.20 18.08
N ALA B 48 -9.37 11.03 19.29
CA ALA B 48 -10.76 11.35 19.57
C ALA B 48 -11.08 12.75 19.07
N ASN B 49 -10.10 13.64 19.25
CA ASN B 49 -10.21 15.05 18.88
C ASN B 49 -9.43 15.46 17.62
N GLY B 50 -9.25 14.50 16.72
CA GLY B 50 -8.53 14.77 15.49
C GLY B 50 -7.05 14.58 15.65
N VAL B 51 -6.34 14.92 14.59
CA VAL B 51 -4.88 14.83 14.48
C VAL B 51 -4.31 16.09 15.12
N ASP B 52 -3.76 15.94 16.31
CA ASP B 52 -3.23 17.04 17.10
C ASP B 52 -1.75 16.80 17.46
N PRO B 53 -0.81 17.49 16.76
CA PRO B 53 0.65 17.45 16.90
C PRO B 53 1.23 17.84 18.28
N THR B 54 0.44 18.57 19.05
CA THR B 54 0.88 18.99 20.39
C THR B 54 0.37 18.01 21.44
N ASN B 55 -0.41 17.04 20.98
CA ASN B 55 -0.94 16.00 21.86
C ASN B 55 0.22 14.99 22.04
N PRO B 56 0.78 14.88 23.28
CA PRO B 56 1.90 14.00 23.69
C PRO B 56 1.72 12.54 23.31
N LYS B 57 0.52 12.03 23.59
CA LYS B 57 0.15 10.66 23.26
C LYS B 57 0.20 10.38 21.77
N LEU B 58 -0.15 11.35 20.93
CA LEU B 58 -0.09 11.13 19.48
C LEU B 58 1.35 10.95 18.97
N THR B 59 2.18 11.91 19.34
CA THR B 59 3.58 11.93 18.92
C THR B 59 4.37 10.81 19.55
N GLY B 60 4.14 10.61 20.84
CA GLY B 60 4.81 9.57 21.59
C GLY B 60 4.51 8.18 21.08
N HIS B 61 3.34 7.99 20.45
CA HIS B 61 2.86 6.71 19.91
C HIS B 61 3.47 6.44 18.52
N ALA B 62 3.47 7.46 17.66
CA ALA B 62 4.00 7.30 16.33
C ALA B 62 5.47 6.96 16.45
N GLU B 63 6.12 7.53 17.47
CA GLU B 63 7.55 7.34 17.69
C GLU B 63 7.87 5.95 18.16
N LYS B 64 7.06 5.47 19.08
CA LYS B 64 7.17 4.14 19.63
C LYS B 64 6.90 3.16 18.54
N LEU B 65 6.06 3.52 17.59
CA LEU B 65 5.78 2.61 16.49
C LEU B 65 6.93 2.58 15.48
N PHE B 66 7.42 3.74 15.06
CA PHE B 66 8.50 3.79 14.11
C PHE B 66 9.76 3.08 14.69
N ALA B 67 9.94 3.21 16.02
CA ALA B 67 11.05 2.60 16.73
C ALA B 67 10.91 1.09 16.65
N LEU B 68 9.71 0.59 16.89
CA LEU B 68 9.44 -0.85 16.76
C LEU B 68 9.73 -1.41 15.33
N VAL B 69 9.43 -0.68 14.27
CA VAL B 69 9.71 -1.19 12.92
C VAL B 69 11.23 -1.09 12.62
N ARG B 70 11.90 -0.16 13.29
CA ARG B 70 13.35 0.00 13.15
C ARG B 70 13.95 -1.26 13.83
N ASP B 71 13.37 -1.62 14.96
CA ASP B 71 13.79 -2.79 15.74
C ASP B 71 13.59 -4.08 14.96
N SER B 72 12.47 -4.17 14.25
CA SER B 72 12.15 -5.30 13.42
C SER B 72 13.27 -5.49 12.38
N ALA B 73 13.77 -4.39 11.80
CA ALA B 73 14.85 -4.42 10.80
C ALA B 73 16.10 -4.99 11.45
N GLY B 74 16.30 -4.58 12.71
CA GLY B 74 17.44 -5.04 13.47
C GLY B 74 17.40 -6.53 13.69
N GLN B 75 16.26 -7.03 14.10
CA GLN B 75 16.10 -8.43 14.33
C GLN B 75 16.26 -9.21 13.01
N LEU B 76 15.73 -8.66 11.93
CA LEU B 76 15.83 -9.39 10.68
C LEU B 76 17.28 -9.53 10.22
N LYS B 77 18.07 -8.52 10.52
CA LYS B 77 19.48 -8.52 10.14
C LYS B 77 20.28 -9.56 10.91
N ALA B 78 19.93 -9.72 12.20
CA ALA B 78 20.67 -10.63 13.07
C ALA B 78 20.27 -12.04 13.01
N SER B 79 19.06 -12.31 12.53
CA SER B 79 18.62 -13.67 12.56
C SER B 79 17.63 -14.06 11.50
N GLY B 80 17.22 -13.13 10.66
CA GLY B 80 16.25 -13.48 9.63
C GLY B 80 14.86 -13.75 10.17
N THR B 81 14.65 -13.31 11.40
CA THR B 81 13.39 -13.52 12.08
C THR B 81 13.03 -12.36 13.03
N VAL B 82 11.74 -12.17 13.25
CA VAL B 82 11.24 -11.10 14.14
C VAL B 82 10.06 -11.65 14.93
N VAL B 83 10.08 -11.38 16.23
CA VAL B 83 9.01 -11.80 17.12
C VAL B 83 8.46 -10.53 17.79
N ALA B 84 7.15 -10.50 18.05
CA ALA B 84 6.51 -9.38 18.72
C ALA B 84 6.07 -9.79 20.15
N ASP B 85 6.03 -8.81 21.06
CA ASP B 85 5.64 -9.00 22.45
C ASP B 85 4.19 -9.46 22.56
N ALA B 86 3.88 -10.24 23.59
CA ALA B 86 2.54 -10.75 23.79
C ALA B 86 1.59 -9.63 23.94
N ALA B 87 2.03 -8.59 24.65
CA ALA B 87 1.23 -7.40 24.84
C ALA B 87 0.82 -6.74 23.51
N LEU B 88 1.79 -6.50 22.64
CA LEU B 88 1.57 -5.86 21.36
C LEU B 88 0.58 -6.70 20.61
N GLY B 89 0.75 -7.99 20.67
CA GLY B 89 -0.14 -8.91 19.98
C GLY B 89 -1.57 -8.88 20.52
N SER B 90 -1.78 -8.78 21.83
CA SER B 90 -3.16 -8.78 22.31
C SER B 90 -3.89 -7.46 22.16
N VAL B 91 -3.15 -6.34 22.27
CA VAL B 91 -3.76 -5.01 22.09
C VAL B 91 -4.43 -4.89 20.68
N HIS B 92 -3.78 -5.44 19.65
CA HIS B 92 -4.30 -5.41 18.30
C HIS B 92 -5.37 -6.46 18.12
N ALA B 93 -5.22 -7.61 18.77
CA ALA B 93 -6.19 -8.66 18.70
C ALA B 93 -7.62 -8.19 18.94
N GLN B 94 -7.86 -7.05 19.58
CA GLN B 94 -9.27 -6.59 19.67
C GLN B 94 -9.95 -6.76 18.26
N LYS B 95 -9.65 -5.95 17.22
CA LYS B 95 -10.26 -6.21 15.89
C LYS B 95 -10.17 -5.38 14.59
N ALA B 96 -10.64 -4.12 14.57
CA ALA B 96 -10.55 -3.34 13.31
C ALA B 96 -9.10 -3.30 12.78
N VAL B 97 -8.26 -4.02 13.53
CA VAL B 97 -6.93 -4.24 13.09
C VAL B 97 -7.19 -5.52 12.21
N THR B 98 -7.60 -5.22 11.00
CA THR B 98 -7.90 -6.24 10.03
C THR B 98 -6.66 -6.26 9.12
N ASP B 99 -6.59 -7.23 8.22
CA ASP B 99 -5.51 -7.29 7.28
C ASP B 99 -5.44 -6.03 6.37
N PRO B 100 -6.60 -5.55 5.84
CA PRO B 100 -6.60 -4.33 4.99
C PRO B 100 -6.08 -3.08 5.77
N GLN B 101 -6.30 -3.05 7.08
CA GLN B 101 -5.79 -1.94 7.88
C GLN B 101 -4.27 -1.96 7.97
N PHE B 102 -3.70 -3.17 8.05
CA PHE B 102 -2.25 -3.30 8.12
C PHE B 102 -1.63 -2.72 6.86
N VAL B 103 -2.31 -2.85 5.71
CA VAL B 103 -1.84 -2.31 4.46
C VAL B 103 -1.97 -0.77 4.43
N VAL B 104 -3.09 -0.25 4.96
CA VAL B 104 -3.29 1.19 5.05
C VAL B 104 -2.11 1.86 5.82
N VAL B 105 -1.80 1.33 6.99
CA VAL B 105 -0.73 1.83 7.86
C VAL B 105 0.63 1.66 7.25
N LYS B 106 0.78 0.63 6.43
CA LYS B 106 2.07 0.40 5.76
C LYS B 106 2.28 1.58 4.78
N GLU B 107 1.21 1.93 4.06
CA GLU B 107 1.25 3.02 3.11
C GLU B 107 1.53 4.33 3.81
N ALA B 108 0.83 4.54 4.93
CA ALA B 108 0.96 5.72 5.80
C ALA B 108 2.40 5.91 6.22
N LEU B 109 2.97 4.82 6.69
CA LEU B 109 4.34 4.74 7.12
C LEU B 109 5.31 5.06 5.99
N LEU B 110 5.13 4.44 4.82
CA LEU B 110 6.03 4.68 3.72
C LEU B 110 5.92 6.11 3.30
N LYS B 111 4.70 6.67 3.41
CA LYS B 111 4.47 8.06 3.02
C LYS B 111 5.16 9.05 3.96
N THR B 112 5.40 8.62 5.20
CA THR B 112 6.04 9.45 6.23
C THR B 112 7.54 9.46 6.12
N ILE B 113 8.12 8.35 5.67
CA ILE B 113 9.56 8.26 5.50
C ILE B 113 9.95 9.07 4.27
N LYS B 114 9.17 8.95 3.20
CA LYS B 114 9.41 9.70 1.99
C LYS B 114 9.42 11.21 2.27
N ALA B 115 8.43 11.64 3.05
CA ALA B 115 8.30 13.02 3.50
C ALA B 115 9.49 13.49 4.32
N ALA B 116 9.93 12.63 5.25
CA ALA B 116 11.07 12.97 6.09
C ALA B 116 12.42 12.93 5.38
N VAL B 117 12.62 11.94 4.49
CA VAL B 117 13.91 11.77 3.78
C VAL B 117 14.11 12.64 2.55
N GLY B 118 13.06 13.30 2.10
CA GLY B 118 13.24 14.17 0.97
C GLY B 118 13.85 13.54 -0.26
N ASP B 119 14.92 14.14 -0.76
CA ASP B 119 15.56 13.66 -2.00
C ASP B 119 16.21 12.31 -1.95
N LYS B 120 16.61 11.93 -0.75
CA LYS B 120 17.27 10.68 -0.53
C LYS B 120 16.36 9.47 -0.61
N TRP B 121 15.14 9.66 -1.11
CA TRP B 121 14.15 8.58 -1.26
C TRP B 121 14.47 7.68 -2.49
N SER B 122 14.28 6.38 -2.35
CA SER B 122 14.54 5.43 -3.44
C SER B 122 13.82 4.13 -3.17
N ASP B 123 13.69 3.31 -4.21
CA ASP B 123 13.04 2.01 -4.14
C ASP B 123 13.68 1.11 -3.08
N GLU B 124 15.00 1.17 -2.94
CA GLU B 124 15.71 0.35 -1.93
C GLU B 124 15.32 0.79 -0.51
N LEU B 125 15.19 2.09 -0.28
CA LEU B 125 14.78 2.57 1.03
C LEU B 125 13.33 2.13 1.31
N SER B 126 12.50 2.23 0.29
CA SER B 126 11.09 1.83 0.41
C SER B 126 11.03 0.35 0.82
N ARG B 127 11.69 -0.49 0.03
CA ARG B 127 11.77 -1.92 0.20
C ARG B 127 12.27 -2.34 1.56
N ALA B 128 13.26 -1.65 2.08
CA ALA B 128 13.83 -1.99 3.41
C ALA B 128 12.77 -1.80 4.52
N TRP B 129 11.95 -0.76 4.41
CA TRP B 129 10.86 -0.50 5.38
C TRP B 129 9.67 -1.47 5.22
N GLU B 130 9.31 -1.78 3.95
CA GLU B 130 8.20 -2.67 3.62
C GLU B 130 8.40 -4.02 4.26
N VAL B 131 9.57 -4.61 4.06
CA VAL B 131 9.87 -5.92 4.62
C VAL B 131 9.94 -5.90 6.14
N ALA B 132 10.48 -4.82 6.70
CA ALA B 132 10.63 -4.75 8.15
C ALA B 132 9.25 -4.69 8.76
N TYR B 133 8.39 -3.94 8.10
CA TYR B 133 7.03 -3.76 8.52
C TYR B 133 6.18 -5.01 8.35
N ASP B 134 6.27 -5.63 7.16
CA ASP B 134 5.51 -6.83 6.83
C ASP B 134 5.88 -7.98 7.72
N GLU B 135 7.15 -8.03 8.12
CA GLU B 135 7.58 -9.12 8.99
C GLU B 135 7.07 -8.93 10.40
N LEU B 136 6.99 -7.68 10.86
CA LEU B 136 6.49 -7.38 12.21
C LEU B 136 4.96 -7.44 12.34
N ALA B 137 4.23 -7.16 11.26
CA ALA B 137 2.78 -7.19 11.27
C ALA B 137 2.31 -8.65 11.44
N ALA B 138 2.98 -9.51 10.70
CA ALA B 138 2.73 -10.94 10.75
C ALA B 138 3.11 -11.46 12.16
N ALA B 139 4.17 -10.90 12.75
CA ALA B 139 4.63 -11.27 14.09
C ALA B 139 3.64 -10.78 15.15
N ILE B 140 3.05 -9.61 14.93
CA ILE B 140 2.06 -9.09 15.89
C ILE B 140 0.79 -9.94 15.87
N LYS B 141 0.36 -10.28 14.67
CA LYS B 141 -0.83 -11.07 14.49
C LYS B 141 -0.65 -12.49 15.03
N LYS B 142 0.60 -12.94 15.07
CA LYS B 142 0.95 -14.24 15.60
C LYS B 142 1.35 -14.18 17.11
N ALA B 143 1.33 -13.01 17.74
CA ALA B 143 1.70 -12.93 19.15
C ALA B 143 0.55 -12.79 20.18
#